data_2XZE
#
_entry.id   2XZE
#
_cell.length_a   45.970
_cell.length_b   45.970
_cell.length_c   206.910
_cell.angle_alpha   90.00
_cell.angle_beta   90.00
_cell.angle_gamma   90.00
#
_symmetry.space_group_name_H-M   'P 41'
#
loop_
_entity.id
_entity.type
_entity.pdbx_description
1 polymer 'STAM-BINDING PROTEIN'
2 polymer 'CHARGED MULTIVESICULAR BODY PROTEIN 3'
3 water water
#
loop_
_entity_poly.entity_id
_entity_poly.type
_entity_poly.pdbx_seq_one_letter_code
_entity_poly.pdbx_strand_id
1 'polypeptide(L)'
;MSDHGDVSLPPEDRVRALSQLGSAVEVNEDIPPRRYFRSGVEIIRMASIYSEEGNIEHAFILYNKYITLFIEKLPKHRDY
KSAVIPEKKDTVKKLKEIAFPKAEELKAELLKRYTKEYTEYNEEKKKEAEELARNMAIQQELEKEK
;
A,B
2 'polypeptide(L)' KVTDALPEPEPPGAMAASEDEEEEEEALEAMQSRLATLRS Q,R
#
# COMPACT_ATOMS: atom_id res chain seq x y z
N SER A 2 17.19 7.94 -8.35
CA SER A 2 16.07 8.80 -8.02
C SER A 2 16.04 9.13 -6.53
N ASP A 3 16.49 10.33 -6.19
CA ASP A 3 16.60 10.74 -4.79
C ASP A 3 15.23 10.73 -4.11
N HIS A 4 15.13 9.99 -3.01
CA HIS A 4 13.87 9.87 -2.27
C HIS A 4 13.52 11.17 -1.53
N GLY A 5 14.48 12.07 -1.39
CA GLY A 5 14.29 13.35 -0.69
C GLY A 5 13.85 14.49 -1.59
N ASP A 6 13.92 14.27 -2.90
CA ASP A 6 13.66 15.31 -3.89
C ASP A 6 12.16 15.37 -4.20
N VAL A 7 11.49 16.34 -3.60
CA VAL A 7 10.02 16.49 -3.76
C VAL A 7 9.57 16.68 -5.22
N SER A 8 10.49 17.01 -6.13
CA SER A 8 10.12 17.20 -7.53
C SER A 8 9.93 15.88 -8.28
N LEU A 9 10.50 14.80 -7.74
CA LEU A 9 10.43 13.48 -8.37
C LEU A 9 9.07 12.77 -8.11
N PRO A 10 8.58 12.00 -9.10
CA PRO A 10 7.32 11.27 -8.94
C PRO A 10 7.39 10.38 -7.69
N PRO A 11 6.33 10.39 -6.85
CA PRO A 11 6.31 9.56 -5.62
C PRO A 11 6.81 8.11 -5.81
N GLU A 12 6.44 7.47 -6.93
CA GLU A 12 6.82 6.07 -7.16
C GLU A 12 8.30 5.86 -7.33
N ASP A 13 8.97 6.82 -7.94
CA ASP A 13 10.41 6.76 -8.14
C ASP A 13 11.12 6.93 -6.81
N ARG A 14 10.60 7.80 -5.97
CA ARG A 14 11.20 8.05 -4.66
C ARG A 14 11.13 6.78 -3.79
N VAL A 15 9.99 6.10 -3.84
CA VAL A 15 9.82 4.83 -3.09
C VAL A 15 10.71 3.72 -3.65
N ARG A 16 10.78 3.62 -4.98
CA ARG A 16 11.64 2.64 -5.63
C ARG A 16 13.10 2.82 -5.22
N ALA A 17 13.50 4.07 -5.05
CA ALA A 17 14.88 4.36 -4.63
C ALA A 17 15.11 3.72 -3.29
N LEU A 18 14.12 3.87 -2.38
CA LEU A 18 14.24 3.31 -1.02
C LEU A 18 14.29 1.78 -1.01
N SER A 19 13.45 1.14 -1.84
CA SER A 19 13.45 -0.32 -1.89
C SER A 19 14.70 -0.83 -2.55
N GLN A 20 15.25 -0.04 -3.49
CA GLN A 20 16.53 -0.37 -4.09
C GLN A 20 17.65 -0.36 -3.08
N LEU A 21 17.70 0.67 -2.24
CA LEU A 21 18.71 0.71 -1.19
C LEU A 21 18.52 -0.46 -0.24
N GLY A 22 17.26 -0.79 0.04
CA GLY A 22 16.94 -1.91 0.92
C GLY A 22 17.31 -3.25 0.31
N SER A 23 17.50 -3.32 -1.01
CA SER A 23 17.78 -4.58 -1.68
C SER A 23 19.26 -4.88 -1.75
N ALA A 24 20.08 -3.92 -1.30
CA ALA A 24 21.54 -4.05 -1.31
C ALA A 24 22.05 -4.82 -0.08
N VAL A 25 21.92 -6.14 -0.14
CA VAL A 25 22.40 -7.04 0.90
C VAL A 25 23.18 -8.10 0.18
N GLU A 26 24.33 -8.47 0.75
CA GLU A 26 25.07 -9.62 0.26
C GLU A 26 25.40 -10.62 1.35
N VAL A 27 25.37 -11.87 0.95
CA VAL A 27 25.62 -13.00 1.80
C VAL A 27 27.06 -13.45 1.57
N ASN A 28 27.74 -13.74 2.66
CA ASN A 28 29.11 -14.24 2.63
C ASN A 28 28.99 -15.77 2.70
N GLU A 29 29.36 -16.47 1.62
CA GLU A 29 29.17 -17.94 1.62
C GLU A 29 30.04 -18.76 2.58
N ASP A 30 31.04 -18.12 3.17
CA ASP A 30 31.85 -18.75 4.20
C ASP A 30 31.30 -18.56 5.62
N ILE A 31 30.13 -17.94 5.73
CA ILE A 31 29.43 -17.84 7.00
C ILE A 31 28.28 -18.86 7.03
N PRO A 32 28.14 -19.63 8.12
CA PRO A 32 26.98 -20.56 8.17
C PRO A 32 25.65 -19.80 8.04
N PRO A 33 24.76 -20.26 7.14
CA PRO A 33 23.44 -19.63 6.94
C PRO A 33 22.71 -19.39 8.29
N ARG A 34 22.85 -20.31 9.24
CA ARG A 34 22.21 -20.14 10.55
C ARG A 34 22.60 -18.80 11.21
N ARG A 35 23.83 -18.34 11.00
CA ARG A 35 24.24 -17.06 11.60
C ARG A 35 23.38 -15.89 11.09
N TYR A 36 23.03 -15.92 9.81
CA TYR A 36 22.16 -14.87 9.23
C TYR A 36 20.78 -14.88 9.88
N PHE A 37 20.28 -16.08 10.23
CA PHE A 37 18.99 -16.17 10.91
C PHE A 37 19.06 -15.48 12.25
N ARG A 38 20.18 -15.62 12.95
CA ARG A 38 20.32 -14.96 14.24
C ARG A 38 20.51 -13.45 14.09
N SER A 39 21.36 -13.06 13.14
CA SER A 39 21.63 -11.63 12.87
C SER A 39 20.39 -10.88 12.39
N GLY A 40 19.56 -11.58 11.60
CA GLY A 40 18.29 -11.07 11.07
C GLY A 40 17.38 -10.43 12.09
N VAL A 41 17.39 -11.00 13.30
CA VAL A 41 16.64 -10.45 14.44
C VAL A 41 16.96 -8.98 14.70
N GLU A 42 18.25 -8.59 14.64
CA GLU A 42 18.60 -7.19 14.85
C GLU A 42 18.03 -6.27 13.76
N ILE A 43 17.97 -6.73 12.52
CA ILE A 43 17.56 -5.86 11.43
C ILE A 43 16.09 -5.49 11.65
N ILE A 44 15.27 -6.51 11.92
CA ILE A 44 13.83 -6.27 12.08
C ILE A 44 13.55 -5.52 13.38
N ARG A 45 14.37 -5.74 14.41
CA ARG A 45 14.22 -4.99 15.64
C ARG A 45 14.47 -3.51 15.44
N MET A 46 15.57 -3.18 14.75
CA MET A 46 15.88 -1.80 14.44
C MET A 46 14.81 -1.15 13.53
N ALA A 47 14.30 -1.91 12.58
CA ALA A 47 13.27 -1.41 11.65
C ALA A 47 12.04 -0.97 12.49
N SER A 48 11.67 -1.79 13.46
CA SER A 48 10.52 -1.50 14.33
C SER A 48 10.72 -0.17 15.11
N ILE A 49 11.93 0.08 15.60
CA ILE A 49 12.24 1.30 16.36
C ILE A 49 12.16 2.52 15.44
N TYR A 50 12.77 2.45 14.28
CA TYR A 50 12.69 3.54 13.34
C TYR A 50 11.22 3.83 13.00
N SER A 51 10.45 2.78 12.80
CA SER A 51 9.03 2.94 12.41
C SER A 51 8.32 3.65 13.56
N GLU A 52 8.53 3.17 14.79
CA GLU A 52 7.82 3.76 15.92
C GLU A 52 8.21 5.23 16.17
N GLU A 53 9.47 5.58 15.91
CA GLU A 53 9.96 6.95 15.96
C GLU A 53 9.39 7.86 14.90
N GLY A 54 8.82 7.30 13.85
CA GLY A 54 8.29 8.08 12.74
C GLY A 54 9.26 8.26 11.59
N ASN A 55 10.43 7.62 11.69
CA ASN A 55 11.36 7.59 10.57
C ASN A 55 11.00 6.45 9.65
N ILE A 56 9.96 6.70 8.87
CA ILE A 56 9.41 5.65 8.04
C ILE A 56 10.27 5.32 6.83
N GLU A 57 11.05 6.29 6.33
CA GLU A 57 11.98 5.96 5.24
C GLU A 57 13.02 4.93 5.67
N HIS A 58 13.65 5.17 6.82
CA HIS A 58 14.72 4.28 7.28
C HIS A 58 14.11 2.92 7.68
N ALA A 59 12.92 2.94 8.27
CA ALA A 59 12.22 1.70 8.60
C ALA A 59 11.98 0.88 7.33
N PHE A 60 11.47 1.53 6.30
CA PHE A 60 11.15 0.87 5.02
C PHE A 60 12.40 0.23 4.42
N ILE A 61 13.52 0.95 4.43
CA ILE A 61 14.77 0.39 3.92
C ILE A 61 15.10 -0.90 4.71
N LEU A 62 15.05 -0.83 6.02
CA LEU A 62 15.40 -2.01 6.85
C LEU A 62 14.45 -3.21 6.71
N TYR A 63 13.14 -2.97 6.59
CA TYR A 63 12.22 -4.09 6.35
C TYR A 63 12.52 -4.73 5.00
N ASN A 64 12.84 -3.90 4.00
CA ASN A 64 13.25 -4.42 2.68
C ASN A 64 14.54 -5.23 2.76
N LYS A 65 15.47 -4.78 3.59
CA LYS A 65 16.73 -5.50 3.77
C LYS A 65 16.49 -6.88 4.38
N TYR A 66 15.69 -6.90 5.44
CA TYR A 66 15.35 -8.17 6.08
C TYR A 66 14.70 -9.13 5.05
N ILE A 67 13.68 -8.64 4.35
CA ILE A 67 12.99 -9.48 3.37
C ILE A 67 13.92 -9.96 2.24
N THR A 68 14.73 -9.02 1.71
CA THR A 68 15.71 -9.37 0.68
C THR A 68 16.66 -10.48 1.16
N LEU A 69 17.18 -10.32 2.36
CA LEU A 69 18.07 -11.31 2.95
C LEU A 69 17.46 -12.71 2.90
N PHE A 70 16.26 -12.87 3.46
CA PHE A 70 15.68 -14.23 3.60
C PHE A 70 14.93 -14.76 2.39
N ILE A 71 14.37 -13.87 1.57
CA ILE A 71 13.60 -14.27 0.37
C ILE A 71 14.49 -14.47 -0.85
N GLU A 72 15.47 -13.58 -1.01
CA GLU A 72 16.26 -13.53 -2.22
C GLU A 72 17.70 -14.03 -2.08
N LYS A 73 18.42 -13.55 -1.08
CA LYS A 73 19.90 -13.77 -1.07
C LYS A 73 20.31 -15.06 -0.36
N LEU A 74 19.81 -15.26 0.86
CA LEU A 74 20.25 -16.40 1.65
C LEU A 74 19.91 -17.77 1.04
N PRO A 75 18.70 -17.93 0.43
CA PRO A 75 18.42 -19.14 -0.36
C PRO A 75 19.42 -19.49 -1.47
N LYS A 76 20.23 -18.53 -1.92
CA LYS A 76 21.26 -18.77 -2.95
C LYS A 76 22.62 -19.19 -2.37
N HIS A 77 22.78 -19.06 -1.06
CA HIS A 77 23.99 -19.49 -0.36
C HIS A 77 24.19 -21.01 -0.61
N ARG A 78 25.42 -21.41 -0.93
CA ARG A 78 25.70 -22.78 -1.32
C ARG A 78 25.35 -23.82 -0.27
N ASP A 79 25.39 -23.46 1.02
CA ASP A 79 25.13 -24.42 2.11
C ASP A 79 23.68 -24.34 2.61
N TYR A 80 22.87 -23.50 1.98
CA TYR A 80 21.51 -23.24 2.45
C TYR A 80 20.64 -24.50 2.43
N LYS A 81 20.63 -25.18 1.28
CA LYS A 81 19.78 -26.38 1.08
C LYS A 81 20.08 -27.52 2.05
N SER A 82 21.36 -27.74 2.38
CA SER A 82 21.74 -28.77 3.33
C SER A 82 21.75 -28.31 4.80
N ALA A 83 21.53 -27.03 5.05
CA ALA A 83 21.62 -26.52 6.42
C ALA A 83 20.36 -26.84 7.21
N VAL A 84 20.54 -27.34 8.42
CA VAL A 84 19.41 -27.59 9.30
C VAL A 84 19.28 -26.37 10.24
N ILE A 85 18.18 -25.64 10.11
CA ILE A 85 18.05 -24.35 10.79
C ILE A 85 16.74 -24.30 11.57
N PRO A 86 16.80 -24.61 12.87
CA PRO A 86 15.63 -24.49 13.77
C PRO A 86 14.95 -23.12 13.68
N GLU A 87 15.74 -22.07 13.48
CA GLU A 87 15.24 -20.67 13.49
C GLU A 87 14.35 -20.36 12.28
N LYS A 88 14.37 -21.21 11.27
CA LYS A 88 13.71 -20.88 10.03
C LYS A 88 12.19 -20.74 10.15
N LYS A 89 11.57 -21.65 10.90
CA LYS A 89 10.12 -21.63 11.06
C LYS A 89 9.65 -20.28 11.64
N ASP A 90 10.27 -19.82 12.72
CA ASP A 90 9.94 -18.53 13.31
C ASP A 90 10.29 -17.34 12.38
N THR A 91 11.36 -17.47 11.60
CA THR A 91 11.70 -16.43 10.60
C THR A 91 10.62 -16.30 9.52
N VAL A 92 10.16 -17.44 9.00
CA VAL A 92 9.06 -17.48 8.03
C VAL A 92 7.81 -16.84 8.60
N LYS A 93 7.51 -17.10 9.86
CA LYS A 93 6.40 -16.43 10.56
C LYS A 93 6.58 -14.91 10.63
N LYS A 94 7.77 -14.46 11.05
CA LYS A 94 8.04 -13.03 11.10
C LYS A 94 7.93 -12.37 9.72
N LEU A 95 8.41 -13.06 8.69
CA LEU A 95 8.34 -12.54 7.31
C LEU A 95 6.89 -12.25 6.90
N LYS A 96 6.05 -13.25 7.20
CA LYS A 96 4.64 -13.23 6.80
C LYS A 96 3.86 -12.28 7.63
N GLU A 97 4.02 -12.38 8.93
CA GLU A 97 3.15 -11.66 9.83
C GLU A 97 3.62 -10.26 10.25
N ILE A 98 4.91 -10.01 10.06
CA ILE A 98 5.52 -8.75 10.51
C ILE A 98 6.15 -8.01 9.33
N ALA A 99 7.23 -8.56 8.79
CA ALA A 99 8.10 -7.78 7.87
C ALA A 99 7.34 -7.33 6.62
N PHE A 100 6.67 -8.28 5.96
CA PHE A 100 5.93 -7.91 4.74
C PHE A 100 4.80 -6.91 5.04
N PRO A 101 3.92 -7.19 6.02
CA PRO A 101 2.83 -6.20 6.34
C PRO A 101 3.35 -4.80 6.73
N LYS A 102 4.40 -4.73 7.56
CA LYS A 102 5.03 -3.45 7.87
C LYS A 102 5.63 -2.75 6.64
N ALA A 103 6.34 -3.50 5.79
CA ALA A 103 6.95 -2.95 4.57
C ALA A 103 5.82 -2.36 3.67
N GLU A 104 4.73 -3.12 3.55
CA GLU A 104 3.59 -2.75 2.68
C GLU A 104 2.85 -1.55 3.24
N GLU A 105 2.61 -1.56 4.56
CA GLU A 105 2.01 -0.42 5.25
C GLU A 105 2.85 0.86 5.01
N LEU A 106 4.16 0.73 5.24
CA LEU A 106 5.05 1.87 5.02
C LEU A 106 5.09 2.34 3.59
N LYS A 107 5.01 1.41 2.64
CA LYS A 107 5.03 1.79 1.22
C LYS A 107 3.83 2.71 0.95
N ALA A 108 2.66 2.30 1.47
CA ALA A 108 1.44 3.10 1.33
C ALA A 108 1.55 4.48 1.99
N GLU A 109 2.14 4.50 3.18
N GLU A 109 2.13 4.52 3.19
CA GLU A 109 2.29 5.73 3.93
CA GLU A 109 2.26 5.78 3.94
C GLU A 109 3.21 6.69 3.17
C GLU A 109 3.27 6.72 3.26
N LEU A 110 4.35 6.16 2.73
CA LEU A 110 5.32 6.91 1.92
C LEU A 110 4.71 7.46 0.63
N LEU A 111 4.00 6.62 -0.13
CA LEU A 111 3.25 7.11 -1.33
C LEU A 111 2.29 8.25 -1.01
N LYS A 112 1.53 8.10 0.07
CA LYS A 112 0.65 9.19 0.51
C LYS A 112 1.43 10.51 0.79
N ARG A 113 2.45 10.43 1.63
N ARG A 113 2.45 10.39 1.63
CA ARG A 113 3.23 11.61 1.99
CA ARG A 113 3.32 11.50 2.03
C ARG A 113 3.91 12.24 0.77
C ARG A 113 3.92 12.20 0.82
N TYR A 114 4.56 11.41 -0.04
CA TYR A 114 5.27 11.92 -1.20
C TYR A 114 4.33 12.54 -2.23
N THR A 115 3.17 11.93 -2.40
CA THR A 115 2.14 12.46 -3.32
C THR A 115 1.71 13.87 -2.96
N LYS A 116 1.49 14.10 -1.66
CA LYS A 116 1.15 15.40 -1.14
C LYS A 116 2.27 16.40 -1.42
N GLU A 117 3.52 15.96 -1.22
CA GLU A 117 4.68 16.82 -1.48
C GLU A 117 4.80 17.18 -2.96
N TYR A 118 4.65 16.17 -3.80
CA TYR A 118 4.73 16.30 -5.25
C TYR A 118 3.68 17.29 -5.77
N THR A 119 2.44 17.14 -5.31
CA THR A 119 1.35 17.97 -5.84
C THR A 119 1.48 19.41 -5.38
N GLU A 120 1.84 19.62 -4.12
CA GLU A 120 2.08 20.96 -3.62
C GLU A 120 3.25 21.62 -4.34
N TYR A 121 4.29 20.84 -4.57
CA TYR A 121 5.47 21.35 -5.25
C TYR A 121 5.10 21.79 -6.68
N ASN A 122 4.43 20.91 -7.43
CA ASN A 122 4.00 21.22 -8.78
C ASN A 122 3.05 22.44 -8.83
N GLU A 123 2.14 22.55 -7.86
CA GLU A 123 1.23 23.72 -7.79
C GLU A 123 2.01 25.01 -7.58
N GLU A 124 2.95 24.98 -6.65
CA GLU A 124 3.83 26.11 -6.39
C GLU A 124 4.64 26.50 -7.64
N LYS A 125 5.21 25.54 -8.35
CA LYS A 125 6.00 25.86 -9.54
C LYS A 125 5.11 26.51 -10.59
N LYS A 126 3.88 26.02 -10.72
CA LYS A 126 2.94 26.55 -11.69
C LYS A 126 2.61 28.01 -11.38
N LYS A 127 2.23 28.27 -10.14
CA LYS A 127 1.91 29.61 -9.66
C LYS A 127 3.08 30.58 -9.86
N GLU A 128 4.30 30.16 -9.51
CA GLU A 128 5.50 30.99 -9.71
C GLU A 128 5.73 31.31 -11.18
N ALA A 129 5.61 30.30 -12.03
CA ALA A 129 5.75 30.52 -13.50
C ALA A 129 4.70 31.51 -14.03
N GLU A 130 3.46 31.35 -13.59
CA GLU A 130 2.36 32.23 -13.99
C GLU A 130 2.60 33.69 -13.56
N GLU A 131 3.06 33.88 -12.32
CA GLU A 131 3.39 35.19 -11.85
C GLU A 131 4.50 35.84 -12.69
N LEU A 132 5.53 35.07 -13.03
CA LEU A 132 6.66 35.57 -13.82
C LEU A 132 6.14 35.98 -15.22
N ALA A 133 5.35 35.10 -15.85
CA ALA A 133 4.75 35.39 -17.17
C ALA A 133 3.95 36.71 -17.13
N ARG A 134 3.13 36.86 -16.09
CA ARG A 134 2.28 38.05 -15.92
C ARG A 134 3.16 39.27 -15.81
N ASN A 135 4.21 39.19 -15.00
CA ASN A 135 5.19 40.30 -14.92
C ASN A 135 5.86 40.67 -16.23
N MET A 136 6.12 39.68 -17.09
CA MET A 136 6.67 39.92 -18.43
C MET A 136 5.68 40.62 -19.35
N ALA A 137 4.39 40.28 -19.21
CA ALA A 137 3.34 40.88 -20.03
C ALA A 137 3.10 42.37 -19.72
N ILE A 138 3.18 42.75 -18.43
CA ILE A 138 2.89 44.12 -18.05
C ILE A 138 3.88 45.07 -18.70
N GLN A 139 3.37 46.10 -19.38
CA GLN A 139 4.23 47.02 -20.12
C GLN A 139 3.71 48.43 -19.87
N GLN A 140 4.22 49.07 -18.81
CA GLN A 140 3.79 50.40 -18.39
C GLN A 140 3.96 51.43 -19.52
N GLU A 141 5.02 51.29 -20.31
CA GLU A 141 5.31 52.22 -21.43
C GLU A 141 4.18 52.31 -22.45
N LEU A 142 3.28 51.34 -22.42
CA LEU A 142 2.15 51.29 -23.36
C LEU A 142 0.87 51.89 -22.77
N SER B 2 -21.91 10.30 -10.89
CA SER B 2 -20.96 9.76 -9.86
C SER B 2 -19.67 10.58 -9.86
N ASP B 3 -19.10 10.77 -8.67
CA ASP B 3 -17.77 11.38 -8.53
C ASP B 3 -16.69 10.55 -9.21
N HIS B 4 -16.66 9.24 -8.92
CA HIS B 4 -15.57 8.38 -9.38
C HIS B 4 -15.51 8.25 -10.91
N GLY B 5 -16.64 8.50 -11.59
CA GLY B 5 -16.72 8.32 -13.04
C GLY B 5 -16.40 9.59 -13.86
N ASP B 6 -16.34 10.72 -13.17
CA ASP B 6 -16.22 12.02 -13.82
C ASP B 6 -14.74 12.35 -14.08
N VAL B 7 -14.31 12.21 -15.34
CA VAL B 7 -12.88 12.44 -15.72
C VAL B 7 -12.38 13.88 -15.45
N SER B 8 -13.31 14.81 -15.28
CA SER B 8 -12.93 16.19 -15.01
C SER B 8 -12.62 16.40 -13.53
N LEU B 9 -13.00 15.42 -12.69
CA LEU B 9 -12.79 15.52 -11.26
C LEU B 9 -11.35 15.08 -10.88
N PRO B 10 -10.71 15.76 -9.91
CA PRO B 10 -9.35 15.39 -9.57
C PRO B 10 -9.27 13.89 -9.15
N PRO B 11 -8.28 13.16 -9.68
CA PRO B 11 -8.11 11.72 -9.42
C PRO B 11 -8.24 11.38 -7.94
N GLU B 12 -7.71 12.23 -7.06
CA GLU B 12 -7.80 11.96 -5.62
C GLU B 12 -9.20 11.99 -5.07
N ASP B 13 -10.05 12.86 -5.60
CA ASP B 13 -11.43 12.91 -5.19
C ASP B 13 -12.21 11.72 -5.76
N ARG B 14 -11.87 11.28 -6.97
CA ARG B 14 -12.53 10.13 -7.56
C ARG B 14 -12.24 8.86 -6.72
N VAL B 15 -10.98 8.67 -6.34
CA VAL B 15 -10.59 7.53 -5.48
C VAL B 15 -11.23 7.63 -4.09
N ARG B 16 -11.22 8.83 -3.49
CA ARG B 16 -11.90 9.01 -2.21
C ARG B 16 -13.39 8.65 -2.24
N ALA B 17 -14.08 8.96 -3.35
CA ALA B 17 -15.50 8.62 -3.51
C ALA B 17 -15.65 7.09 -3.39
N LEU B 18 -14.73 6.34 -4.01
CA LEU B 18 -14.76 4.85 -3.93
C LEU B 18 -14.53 4.31 -2.51
N SER B 19 -13.54 4.88 -1.81
CA SER B 19 -13.24 4.37 -0.47
C SER B 19 -14.35 4.79 0.51
N GLN B 20 -14.97 5.93 0.21
CA GLN B 20 -16.13 6.36 0.96
C GLN B 20 -17.30 5.36 0.81
N LEU B 21 -17.57 4.91 -0.41
CA LEU B 21 -18.59 3.89 -0.65
C LEU B 21 -18.27 2.62 0.10
N GLY B 22 -16.98 2.26 0.16
CA GLY B 22 -16.54 1.09 0.93
C GLY B 22 -16.78 1.26 2.42
N SER B 23 -16.58 2.48 2.92
CA SER B 23 -16.70 2.71 4.33
C SER B 23 -18.18 2.66 4.80
N ALA B 24 -19.11 2.76 3.84
CA ALA B 24 -20.54 2.96 4.17
C ALA B 24 -21.22 1.70 4.69
N VAL B 25 -20.49 0.60 4.71
CA VAL B 25 -21.06 -0.69 5.09
C VAL B 25 -21.63 -0.66 6.52
N GLU B 26 -22.82 -1.25 6.69
CA GLU B 26 -23.49 -1.20 7.99
C GLU B 26 -23.52 -2.60 8.56
N VAL B 27 -23.39 -2.68 9.88
CA VAL B 27 -23.41 -3.92 10.61
C VAL B 27 -24.85 -4.08 11.10
N ASN B 28 -25.41 -5.27 10.87
CA ASN B 28 -26.74 -5.61 11.39
C ASN B 28 -26.50 -6.29 12.74
N GLU B 29 -26.92 -5.61 13.80
CA GLU B 29 -26.70 -6.06 15.15
C GLU B 29 -27.38 -7.39 15.51
N ASP B 30 -28.37 -7.78 14.69
CA ASP B 30 -29.05 -9.06 14.87
C ASP B 30 -28.44 -10.23 14.07
N ILE B 31 -27.33 -9.95 13.36
CA ILE B 31 -26.50 -11.02 12.75
C ILE B 31 -25.33 -11.32 13.70
N PRO B 32 -25.10 -12.60 14.04
CA PRO B 32 -24.03 -12.89 14.98
C PRO B 32 -22.70 -12.44 14.36
N PRO B 33 -21.79 -11.86 15.17
CA PRO B 33 -20.48 -11.48 14.60
C PRO B 33 -19.79 -12.59 13.79
N ARG B 34 -19.91 -13.83 14.25
CA ARG B 34 -19.25 -14.95 13.56
C ARG B 34 -19.63 -15.06 12.08
N ARG B 35 -20.89 -14.74 11.75
CA ARG B 35 -21.33 -14.83 10.37
C ARG B 35 -20.51 -13.88 9.49
N TYR B 36 -20.24 -12.68 10.00
CA TYR B 36 -19.36 -11.71 9.30
C TYR B 36 -17.97 -12.31 9.05
N PHE B 37 -17.38 -12.90 10.09
CA PHE B 37 -16.08 -13.59 9.92
C PHE B 37 -16.13 -14.69 8.87
N ARG B 38 -17.16 -15.54 8.91
CA ARG B 38 -17.29 -16.61 7.92
C ARG B 38 -17.44 -16.08 6.49
N SER B 39 -18.14 -14.95 6.36
CA SER B 39 -18.41 -14.37 5.05
C SER B 39 -17.14 -13.79 4.43
N GLY B 40 -16.15 -13.51 5.27
CA GLY B 40 -14.89 -12.88 4.82
C GLY B 40 -14.26 -13.65 3.69
N VAL B 41 -14.28 -14.98 3.78
CA VAL B 41 -13.67 -15.79 2.72
C VAL B 41 -14.27 -15.53 1.33
N GLU B 42 -15.61 -15.51 1.27
CA GLU B 42 -16.30 -15.24 0.01
C GLU B 42 -16.12 -13.80 -0.48
N ILE B 43 -16.10 -12.86 0.46
CA ILE B 43 -15.86 -11.45 0.11
C ILE B 43 -14.50 -11.32 -0.56
N ILE B 44 -13.47 -11.90 0.05
CA ILE B 44 -12.14 -11.94 -0.57
C ILE B 44 -12.15 -12.56 -1.95
N ARG B 45 -12.82 -13.69 -2.11
CA ARG B 45 -12.90 -14.35 -3.41
CA ARG B 45 -12.91 -14.36 -3.40
C ARG B 45 -13.53 -13.42 -4.44
N MET B 46 -14.66 -12.79 -4.08
CA MET B 46 -15.33 -11.89 -5.00
C MET B 46 -14.45 -10.66 -5.38
N ALA B 47 -13.77 -10.09 -4.40
CA ALA B 47 -12.90 -8.92 -4.65
C ALA B 47 -11.78 -9.30 -5.63
N SER B 48 -11.22 -10.49 -5.45
CA SER B 48 -10.21 -11.03 -6.39
C SER B 48 -10.78 -11.15 -7.83
N ILE B 49 -11.99 -11.68 -7.95
CA ILE B 49 -12.66 -11.83 -9.25
C ILE B 49 -12.90 -10.47 -9.89
N TYR B 50 -13.41 -9.50 -9.13
CA TYR B 50 -13.59 -8.14 -9.69
C TYR B 50 -12.26 -7.60 -10.26
N SER B 51 -11.19 -7.82 -9.52
CA SER B 51 -9.88 -7.33 -9.91
C SER B 51 -9.45 -7.98 -11.23
N GLU B 52 -9.63 -9.31 -11.30
CA GLU B 52 -9.21 -10.07 -12.48
C GLU B 52 -10.05 -9.76 -13.71
N GLU B 53 -11.31 -9.37 -13.48
CA GLU B 53 -12.16 -8.88 -14.57
C GLU B 53 -11.74 -7.52 -15.12
N GLY B 54 -10.84 -6.83 -14.43
CA GLY B 54 -10.51 -5.44 -14.74
C GLY B 54 -11.46 -4.44 -14.08
N ASN B 55 -12.39 -4.92 -13.25
CA ASN B 55 -13.32 -4.06 -12.51
C ASN B 55 -12.63 -3.60 -11.23
N ILE B 56 -11.56 -2.80 -11.37
N ILE B 56 -11.61 -2.77 -11.41
CA ILE B 56 -10.73 -2.39 -10.23
CA ILE B 56 -10.73 -2.31 -10.33
C ILE B 56 -11.47 -1.45 -9.28
C ILE B 56 -11.48 -1.47 -9.31
N GLU B 57 -12.43 -0.67 -9.79
CA GLU B 57 -13.23 0.16 -8.88
CA GLU B 57 -13.28 0.14 -8.90
C GLU B 57 -14.05 -0.73 -7.89
N HIS B 58 -14.72 -1.74 -8.42
CA HIS B 58 -15.56 -2.60 -7.54
C HIS B 58 -14.67 -3.43 -6.63
N ALA B 59 -13.54 -3.91 -7.14
CA ALA B 59 -12.56 -4.62 -6.27
C ALA B 59 -12.12 -3.71 -5.11
N PHE B 60 -11.77 -2.46 -5.45
CA PHE B 60 -11.30 -1.51 -4.43
C PHE B 60 -12.38 -1.24 -3.38
N ILE B 61 -13.63 -1.00 -3.83
CA ILE B 61 -14.75 -0.77 -2.92
C ILE B 61 -14.93 -1.96 -1.97
N LEU B 62 -14.86 -3.16 -2.53
CA LEU B 62 -15.15 -4.34 -1.74
C LEU B 62 -14.05 -4.66 -0.71
N TYR B 63 -12.78 -4.49 -1.09
CA TYR B 63 -11.70 -4.59 -0.08
C TYR B 63 -11.86 -3.55 1.04
N ASN B 64 -12.21 -2.32 0.67
CA ASN B 64 -12.53 -1.28 1.66
C ASN B 64 -13.66 -1.72 2.62
N LYS B 65 -14.69 -2.38 2.09
CA LYS B 65 -15.80 -2.88 2.92
C LYS B 65 -15.32 -3.94 3.91
N TYR B 66 -14.56 -4.89 3.38
CA TYR B 66 -13.95 -5.94 4.18
C TYR B 66 -13.12 -5.33 5.30
N ILE B 67 -12.22 -4.40 4.94
CA ILE B 67 -11.39 -3.77 5.94
C ILE B 67 -12.21 -2.95 6.96
N THR B 68 -13.14 -2.17 6.47
CA THR B 68 -14.00 -1.33 7.33
C THR B 68 -14.73 -2.21 8.34
N LEU B 69 -15.24 -3.34 7.86
CA LEU B 69 -15.99 -4.27 8.70
C LEU B 69 -15.14 -4.78 9.87
N PHE B 70 -13.99 -5.37 9.57
CA PHE B 70 -13.23 -6.12 10.55
C PHE B 70 -12.37 -5.21 11.41
N ILE B 71 -12.19 -3.96 10.96
CA ILE B 71 -11.30 -3.03 11.62
C ILE B 71 -12.09 -2.00 12.42
N GLU B 72 -13.18 -1.51 11.84
CA GLU B 72 -13.88 -0.36 12.39
C GLU B 72 -15.27 -0.70 12.98
N LYS B 73 -16.09 -1.37 12.19
CA LYS B 73 -17.52 -1.49 12.49
C LYS B 73 -17.85 -2.68 13.38
N LEU B 74 -17.37 -3.86 13.00
CA LEU B 74 -17.72 -5.09 13.71
C LEU B 74 -17.28 -5.09 15.19
N PRO B 75 -16.06 -4.59 15.52
CA PRO B 75 -15.74 -4.49 16.96
C PRO B 75 -16.73 -3.69 17.80
N LYS B 76 -17.56 -2.86 17.18
CA LYS B 76 -18.59 -2.09 17.86
C LYS B 76 -19.92 -2.82 18.01
N HIS B 77 -20.01 -4.03 17.43
CA HIS B 77 -21.21 -4.87 17.55
C HIS B 77 -21.50 -5.22 19.03
N ARG B 78 -22.74 -5.01 19.48
CA ARG B 78 -23.15 -5.34 20.88
C ARG B 78 -22.66 -6.70 21.40
N ASP B 79 -22.64 -7.71 20.54
CA ASP B 79 -22.25 -9.07 20.90
C ASP B 79 -20.79 -9.39 20.59
N TYR B 80 -20.03 -8.40 20.11
CA TYR B 80 -18.64 -8.65 19.66
C TYR B 80 -17.74 -9.15 20.79
N LYS B 81 -17.69 -8.37 21.88
CA LYS B 81 -16.84 -8.62 23.05
C LYS B 81 -17.19 -9.94 23.73
N SER B 82 -18.47 -10.28 23.65
CA SER B 82 -19.01 -11.55 24.13
C SER B 82 -18.66 -12.77 23.25
N ALA B 83 -18.52 -12.54 21.94
CA ALA B 83 -18.40 -13.62 20.95
C ALA B 83 -17.06 -14.37 21.00
N VAL B 84 -17.14 -15.69 20.91
CA VAL B 84 -15.94 -16.52 20.69
C VAL B 84 -15.81 -16.78 19.20
N ILE B 85 -14.74 -16.24 18.59
CA ILE B 85 -14.61 -16.29 17.14
C ILE B 85 -13.32 -17.01 16.69
N PRO B 86 -13.40 -18.33 16.43
CA PRO B 86 -12.24 -19.10 15.98
C PRO B 86 -11.59 -18.51 14.70
N GLU B 87 -12.40 -17.88 13.86
CA GLU B 87 -11.95 -17.32 12.59
C GLU B 87 -11.13 -16.02 12.73
N LYS B 88 -11.09 -15.43 13.93
CA LYS B 88 -10.54 -14.08 14.08
C LYS B 88 -9.05 -14.04 13.69
N LYS B 89 -8.32 -15.09 14.08
CA LYS B 89 -6.89 -15.16 13.85
C LYS B 89 -6.61 -15.19 12.36
N ASP B 90 -7.38 -15.99 11.63
CA ASP B 90 -7.17 -16.12 10.20
C ASP B 90 -7.62 -14.85 9.49
N THR B 91 -8.57 -14.14 10.08
CA THR B 91 -9.03 -12.88 9.51
C THR B 91 -7.97 -11.81 9.65
N VAL B 92 -7.36 -11.71 10.83
CA VAL B 92 -6.20 -10.81 10.99
C VAL B 92 -5.13 -11.13 9.93
N LYS B 93 -4.82 -12.40 9.76
CA LYS B 93 -3.82 -12.83 8.79
C LYS B 93 -4.23 -12.41 7.39
N LYS B 94 -5.52 -12.51 7.08
CA LYS B 94 -5.99 -12.20 5.74
C LYS B 94 -5.97 -10.68 5.46
N LEU B 95 -6.28 -9.91 6.48
CA LEU B 95 -6.22 -8.45 6.40
C LEU B 95 -4.79 -8.02 5.99
N LYS B 96 -3.80 -8.66 6.60
CA LYS B 96 -2.38 -8.37 6.33
C LYS B 96 -1.89 -8.94 5.01
N GLU B 97 -2.32 -10.15 4.68
CA GLU B 97 -1.82 -10.86 3.54
C GLU B 97 -2.42 -10.39 2.21
N ILE B 98 -3.70 -10.06 2.27
CA ILE B 98 -4.52 -9.86 1.08
C ILE B 98 -5.13 -8.47 1.13
N ALA B 99 -6.09 -8.28 2.04
CA ALA B 99 -7.05 -7.15 1.86
C ALA B 99 -6.34 -5.77 1.81
N PHE B 100 -5.54 -5.46 2.83
CA PHE B 100 -4.74 -4.20 2.81
C PHE B 100 -3.81 -4.05 1.59
N PRO B 101 -2.88 -5.00 1.35
CA PRO B 101 -1.93 -4.76 0.24
C PRO B 101 -2.62 -4.71 -1.10
N LYS B 102 -3.62 -5.57 -1.31
CA LYS B 102 -4.38 -5.51 -2.56
C LYS B 102 -5.13 -4.21 -2.73
N ALA B 103 -5.74 -3.72 -1.65
CA ALA B 103 -6.50 -2.45 -1.75
C ALA B 103 -5.53 -1.29 -2.01
N GLU B 104 -4.36 -1.35 -1.35
CA GLU B 104 -3.36 -0.29 -1.54
C GLU B 104 -2.83 -0.29 -2.98
N GLU B 105 -2.59 -1.47 -3.52
CA GLU B 105 -2.11 -1.62 -4.90
C GLU B 105 -3.19 -1.14 -5.90
N LEU B 106 -4.45 -1.48 -5.62
CA LEU B 106 -5.56 -0.99 -6.43
C LEU B 106 -5.66 0.54 -6.35
N LYS B 107 -5.46 1.12 -5.16
CA LYS B 107 -5.49 2.57 -5.00
C LYS B 107 -4.48 3.25 -5.92
N ALA B 108 -3.26 2.71 -5.94
CA ALA B 108 -2.20 3.23 -6.80
C ALA B 108 -2.55 3.12 -8.27
N GLU B 109 -3.09 1.97 -8.67
CA GLU B 109 -3.51 1.72 -10.03
C GLU B 109 -4.64 2.68 -10.44
N LEU B 110 -5.64 2.85 -9.59
CA LEU B 110 -6.73 3.79 -9.86
C LEU B 110 -6.21 5.23 -9.98
N LEU B 111 -5.45 5.68 -8.99
CA LEU B 111 -4.81 7.01 -9.10
C LEU B 111 -4.06 7.21 -10.43
N LYS B 112 -3.32 6.19 -10.87
CA LYS B 112 -2.53 6.27 -12.12
C LYS B 112 -3.39 6.37 -13.39
N ARG B 113 -4.38 5.48 -13.51
N ARG B 113 -4.41 5.51 -13.48
CA ARG B 113 -5.34 5.54 -14.60
CA ARG B 113 -5.37 5.51 -14.59
C ARG B 113 -6.08 6.89 -14.61
C ARG B 113 -6.25 6.78 -14.64
N TYR B 114 -6.65 7.27 -13.47
CA TYR B 114 -7.44 8.49 -13.37
C TYR B 114 -6.61 9.73 -13.70
N THR B 115 -5.36 9.74 -13.26
CA THR B 115 -4.44 10.85 -13.57
C THR B 115 -4.24 10.97 -15.08
N LYS B 116 -4.01 9.85 -15.76
CA LYS B 116 -3.92 9.85 -17.21
C LYS B 116 -5.17 10.46 -17.85
N GLU B 117 -6.34 10.00 -17.41
CA GLU B 117 -7.61 10.54 -17.91
C GLU B 117 -7.74 12.04 -17.65
N TYR B 118 -7.44 12.44 -16.42
CA TYR B 118 -7.53 13.85 -15.98
C TYR B 118 -6.59 14.74 -16.80
N THR B 119 -5.35 14.29 -16.95
CA THR B 119 -4.35 15.02 -17.75
C THR B 119 -4.84 15.22 -19.20
N GLU B 120 -5.22 14.13 -19.84
CA GLU B 120 -5.63 14.17 -21.23
C GLU B 120 -6.87 15.03 -21.45
N TYR B 121 -7.86 14.86 -20.57
CA TYR B 121 -9.07 15.68 -20.56
C TYR B 121 -8.74 17.17 -20.43
N ASN B 122 -7.99 17.53 -19.39
CA ASN B 122 -7.65 18.93 -19.12
C ASN B 122 -6.87 19.54 -20.30
N GLU B 123 -6.02 18.74 -20.94
CA GLU B 123 -5.25 19.22 -22.12
C GLU B 123 -6.18 19.55 -23.28
N GLU B 124 -7.10 18.63 -23.57
CA GLU B 124 -8.14 18.85 -24.58
C GLU B 124 -9.00 20.06 -24.28
N LYS B 125 -9.52 20.14 -23.06
CA LYS B 125 -10.37 21.26 -22.64
C LYS B 125 -9.63 22.60 -22.66
N LYS B 126 -8.35 22.57 -22.31
N LYS B 126 -8.34 22.58 -22.32
CA LYS B 126 -7.53 23.79 -22.32
CA LYS B 126 -7.54 23.81 -22.31
C LYS B 126 -7.43 24.35 -23.73
C LYS B 126 -7.37 24.36 -23.73
N LYS B 127 -7.07 23.49 -24.68
CA LYS B 127 -6.91 23.87 -26.09
C LYS B 127 -8.22 24.46 -26.62
N GLU B 128 -9.34 23.83 -26.24
CA GLU B 128 -10.66 24.27 -26.65
C GLU B 128 -11.02 25.63 -26.04
N ALA B 129 -10.77 25.77 -24.74
CA ALA B 129 -10.99 27.05 -24.06
C ALA B 129 -10.12 28.18 -24.63
N GLU B 130 -8.86 27.88 -24.94
CA GLU B 130 -7.94 28.87 -25.54
C GLU B 130 -8.42 29.31 -26.93
N GLU B 131 -8.85 28.34 -27.74
CA GLU B 131 -9.48 28.60 -29.03
C GLU B 131 -10.71 29.52 -28.88
N LEU B 132 -11.55 29.21 -27.91
CA LEU B 132 -12.72 30.06 -27.69
C LEU B 132 -12.30 31.47 -27.26
N ALA B 133 -11.33 31.57 -26.37
CA ALA B 133 -10.81 32.87 -25.93
C ALA B 133 -10.24 33.65 -27.13
N ARG B 134 -9.54 32.98 -28.03
CA ARG B 134 -9.01 33.65 -29.25
C ARG B 134 -10.16 34.18 -30.11
N ASN B 135 -11.18 33.36 -30.29
CA ASN B 135 -12.30 33.76 -31.13
C ASN B 135 -13.13 34.89 -30.54
N MET B 136 -13.26 34.92 -29.20
CA MET B 136 -13.98 36.03 -28.56
C MET B 136 -13.18 37.33 -28.61
N ALA B 137 -11.86 37.23 -28.72
CA ALA B 137 -11.04 38.41 -28.93
C ALA B 137 -11.27 38.92 -30.37
N ILE B 138 -11.17 38.01 -31.38
CA ILE B 138 -11.33 38.34 -32.81
C ILE B 138 -12.63 39.14 -33.04
N GLN B 139 -13.74 38.59 -32.59
CA GLN B 139 -14.95 39.39 -32.40
C GLN B 139 -14.74 40.14 -31.09
N SER C 18 12.27 -32.39 6.58
CA SER C 18 10.99 -32.61 7.32
C SER C 18 9.77 -32.12 6.54
N GLU C 19 8.59 -32.44 7.07
CA GLU C 19 7.32 -31.89 6.57
C GLU C 19 7.31 -30.39 6.84
N ASP C 20 7.79 -30.03 8.04
CA ASP C 20 7.99 -28.63 8.45
C ASP C 20 8.86 -27.86 7.46
N GLU C 21 9.96 -28.48 7.02
CA GLU C 21 10.93 -27.82 6.15
C GLU C 21 10.37 -27.56 4.74
N GLU C 22 9.60 -28.52 4.22
CA GLU C 22 8.95 -28.37 2.92
C GLU C 22 7.92 -27.24 2.92
N GLU C 23 7.21 -27.11 4.04
CA GLU C 23 6.21 -26.06 4.21
C GLU C 23 6.86 -24.68 4.23
N GLU C 24 7.97 -24.57 4.97
CA GLU C 24 8.68 -23.31 5.14
C GLU C 24 9.32 -22.83 3.85
N GLU C 25 9.89 -23.77 3.11
CA GLU C 25 10.55 -23.42 1.86
C GLU C 25 9.54 -23.02 0.79
N GLU C 26 8.38 -23.66 0.79
CA GLU C 26 7.33 -23.31 -0.15
C GLU C 26 6.73 -21.93 0.14
N ALA C 27 6.58 -21.61 1.42
CA ALA C 27 6.20 -20.26 1.81
C ALA C 27 7.24 -19.22 1.31
N LEU C 28 8.53 -19.55 1.48
CA LEU C 28 9.60 -18.64 1.06
C LEU C 28 9.57 -18.39 -0.45
N GLU C 29 9.27 -19.43 -1.23
CA GLU C 29 9.10 -19.28 -2.68
C GLU C 29 7.86 -18.45 -3.04
N ALA C 30 6.75 -18.64 -2.31
CA ALA C 30 5.52 -17.83 -2.51
C ALA C 30 5.75 -16.34 -2.32
N MET C 31 6.66 -16.01 -1.40
CA MET C 31 6.95 -14.63 -1.06
C MET C 31 7.84 -13.93 -2.08
N GLN C 32 8.43 -14.69 -3.00
CA GLN C 32 9.21 -14.08 -4.12
C GLN C 32 8.39 -13.10 -4.95
N SER C 33 7.19 -13.48 -5.36
CA SER C 33 6.30 -12.57 -6.09
C SER C 33 5.88 -11.38 -5.23
N ARG C 34 5.67 -11.63 -3.93
CA ARG C 34 5.27 -10.58 -3.01
C ARG C 34 6.39 -9.53 -2.88
N LEU C 35 7.64 -9.98 -2.86
CA LEU C 35 8.80 -9.06 -2.89
C LEU C 35 8.92 -8.28 -4.22
N ALA C 36 8.74 -8.96 -5.35
CA ALA C 36 8.70 -8.26 -6.65
C ALA C 36 7.70 -7.11 -6.59
N THR C 37 6.50 -7.39 -6.08
CA THR C 37 5.43 -6.40 -5.96
C THR C 37 5.81 -5.27 -5.00
N LEU C 38 6.37 -5.64 -3.85
CA LEU C 38 6.89 -4.63 -2.90
C LEU C 38 7.90 -3.66 -3.55
N ARG C 39 8.77 -4.15 -4.42
CA ARG C 39 9.81 -3.35 -5.09
C ARG C 39 9.30 -2.57 -6.32
N SER C 40 8.03 -2.78 -6.66
CA SER C 40 7.45 -2.15 -7.85
C SER C 40 7.13 -0.67 -7.66
N GLU D 21 -6.07 -13.77 21.50
CA GLU D 21 -7.33 -12.95 21.56
C GLU D 21 -7.06 -11.47 21.85
N GLU D 22 -6.28 -11.21 22.91
CA GLU D 22 -5.75 -9.88 23.19
C GLU D 22 -4.88 -9.43 22.01
N GLU D 23 -4.04 -10.36 21.56
CA GLU D 23 -3.10 -10.13 20.45
C GLU D 23 -3.80 -9.94 19.09
N GLU D 24 -4.99 -10.51 18.95
CA GLU D 24 -5.78 -10.28 17.72
C GLU D 24 -6.45 -8.93 17.78
N GLU D 25 -7.06 -8.58 18.91
CA GLU D 25 -7.63 -7.26 19.09
C GLU D 25 -6.56 -6.16 19.01
N GLU D 26 -5.52 -6.52 19.54
CA GLU D 26 -4.45 -5.56 19.41
C GLU D 26 -3.99 -5.39 17.97
N ALA D 27 -3.75 -6.40 17.18
CA ALA D 27 -3.50 -6.34 15.73
C ALA D 27 -4.56 -5.54 14.95
N LEU D 28 -5.85 -5.77 15.22
CA LEU D 28 -6.91 -4.98 14.54
C LEU D 28 -6.79 -3.49 14.82
N GLU D 29 -6.55 -3.17 16.08
CA GLU D 29 -6.43 -1.79 16.52
C GLU D 29 -5.23 -1.08 15.84
N ALA D 30 -4.13 -1.82 15.68
CA ALA D 30 -2.92 -1.30 15.02
C ALA D 30 -3.16 -1.00 13.52
N MET D 31 -4.24 -1.55 12.95
CA MET D 31 -4.51 -1.31 11.52
C MET D 31 -5.44 -0.11 11.31
N GLN D 32 -5.94 0.48 12.39
CA GLN D 32 -6.76 1.68 12.26
C GLN D 32 -6.09 2.82 11.47
N SER D 33 -4.83 3.10 11.78
CA SER D 33 -4.13 4.19 11.07
C SER D 33 -3.94 3.83 9.59
N ARG D 34 -3.75 2.54 9.31
CA ARG D 34 -3.54 2.10 7.95
C ARG D 34 -4.84 2.24 7.12
N LEU D 35 -5.98 1.98 7.76
CA LEU D 35 -7.27 2.24 7.14
C LEU D 35 -7.47 3.72 6.86
N ALA D 36 -7.10 4.55 7.83
CA ALA D 36 -7.14 6.00 7.65
C ALA D 36 -6.34 6.42 6.41
N THR D 37 -5.17 5.84 6.25
CA THR D 37 -4.32 6.15 5.10
C THR D 37 -4.96 5.66 3.80
N LEU D 38 -5.54 4.47 3.84
CA LEU D 38 -6.25 3.92 2.68
C LEU D 38 -7.35 4.86 2.19
N ARG D 39 -8.06 5.47 3.14
CA ARG D 39 -9.21 6.36 2.87
C ARG D 39 -8.81 7.78 2.47
N SER D 40 -7.51 8.07 2.53
CA SER D 40 -7.04 9.44 2.27
C SER D 40 -7.09 9.80 0.78
#